data_8T64
#
_entry.id   8T64
#
_cell.length_a   43.783
_cell.length_b   120.551
_cell.length_c   51.544
_cell.angle_alpha   90.00
_cell.angle_beta   115.34
_cell.angle_gamma   90.00
#
_symmetry.space_group_name_H-M   'P 1 21 1'
#
loop_
_entity.id
_entity.type
_entity.pdbx_description
1 polymer Cam1
2 water water
#
_entity_poly.entity_id   1
_entity_poly.type   'polypeptide(L)'
_entity_poly.pdbx_seq_one_letter_code
;SREDLRAWLTRNRFPRVGGVSESTVQWEGVVFTVSNESVPRWVMAQIQPAYMGLVATQASLAAAEAVAAVARRRGIEVHG
PLQVADPNDPAASRSQVALLLSELRRAGCREIAVDLTGGKLPMSLGAFMAAEEAGVASLYVATDFDKHLKVPDMRTATLR
QISQPE
;
_entity_poly.pdbx_strand_id   A,B,C,D
#
# COMPACT_ATOMS: atom_id res chain seq x y z
N TRP A 27 -10.47 -11.13 14.10
CA TRP A 27 -11.67 -10.30 14.25
C TRP A 27 -12.70 -10.92 15.18
N GLU A 28 -13.23 -10.15 16.10
CA GLU A 28 -14.25 -10.70 16.96
C GLU A 28 -15.65 -10.30 16.50
N GLY A 29 -15.68 -9.34 15.58
CA GLY A 29 -16.91 -8.85 15.00
C GLY A 29 -16.77 -8.51 13.53
N VAL A 30 -17.74 -8.91 12.75
CA VAL A 30 -17.77 -8.62 11.34
C VAL A 30 -19.13 -8.15 10.90
N VAL A 31 -19.20 -7.08 10.15
CA VAL A 31 -20.45 -6.63 9.59
C VAL A 31 -20.44 -6.97 8.10
N PHE A 32 -21.47 -7.68 7.66
CA PHE A 32 -21.61 -8.07 6.29
C PHE A 32 -22.68 -7.37 5.50
N THR A 33 -22.35 -7.07 4.27
CA THR A 33 -23.32 -6.62 3.29
C THR A 33 -23.68 -7.94 2.62
N VAL A 34 -24.95 -8.21 2.45
CA VAL A 34 -25.34 -9.48 1.94
C VAL A 34 -26.08 -9.53 0.64
N SER A 35 -25.60 -10.35 -0.27
CA SER A 35 -26.31 -10.64 -1.49
C SER A 35 -26.56 -12.14 -1.56
N ASN A 36 -25.59 -12.96 -1.26
CA ASN A 36 -25.74 -14.40 -1.26
C ASN A 36 -25.38 -14.97 0.09
N GLU A 37 -25.74 -16.21 0.34
CA GLU A 37 -25.43 -16.79 1.63
C GLU A 37 -24.10 -17.52 1.72
N SER A 38 -23.63 -18.05 0.62
CA SER A 38 -22.39 -18.75 0.59
C SER A 38 -21.17 -18.03 1.05
N VAL A 39 -20.91 -16.87 0.49
CA VAL A 39 -19.71 -16.11 0.79
C VAL A 39 -19.52 -15.70 2.23
N PRO A 40 -20.57 -15.20 2.89
CA PRO A 40 -20.53 -14.81 4.28
C PRO A 40 -20.23 -16.01 5.14
N ARG A 41 -20.82 -17.15 4.82
CA ARG A 41 -20.56 -18.37 5.52
C ARG A 41 -19.09 -18.70 5.48
N TRP A 42 -18.49 -18.59 4.30
CA TRP A 42 -17.08 -18.87 4.12
C TRP A 42 -16.21 -17.94 4.97
N VAL A 43 -16.58 -16.69 5.05
CA VAL A 43 -15.85 -15.74 5.83
C VAL A 43 -15.98 -15.99 7.32
N MET A 44 -17.14 -16.49 7.71
CA MET A 44 -17.43 -16.84 9.09
C MET A 44 -16.49 -17.92 9.54
N ALA A 45 -16.33 -18.95 8.73
CA ALA A 45 -15.43 -20.04 9.02
C ALA A 45 -13.99 -19.60 9.11
N GLN A 46 -13.57 -18.67 8.29
CA GLN A 46 -12.21 -18.17 8.37
C GLN A 46 -11.92 -17.27 9.58
N ILE A 47 -12.84 -16.40 9.92
CA ILE A 47 -12.63 -15.46 11.00
C ILE A 47 -13.07 -15.90 12.38
N GLN A 48 -14.08 -16.75 12.43
CA GLN A 48 -14.68 -17.24 13.64
C GLN A 48 -15.04 -16.08 14.53
N PRO A 49 -15.90 -15.21 14.07
CA PRO A 49 -16.21 -14.07 14.90
C PRO A 49 -17.17 -14.38 16.01
N ALA A 50 -17.14 -13.56 17.03
CA ALA A 50 -18.08 -13.69 18.14
C ALA A 50 -19.32 -12.84 17.93
N TYR A 51 -19.20 -11.72 17.24
CA TYR A 51 -20.33 -10.85 16.93
C TYR A 51 -20.45 -10.75 15.42
N MET A 52 -21.69 -10.57 14.95
CA MET A 52 -21.94 -10.48 13.53
C MET A 52 -23.00 -9.43 13.28
N GLY A 53 -22.80 -8.64 12.24
CA GLY A 53 -23.81 -7.71 11.76
C GLY A 53 -24.16 -8.02 10.31
N LEU A 54 -25.42 -7.79 9.96
CA LEU A 54 -25.94 -8.21 8.67
C LEU A 54 -26.79 -7.10 8.08
N VAL A 55 -26.43 -6.64 6.89
CA VAL A 55 -27.20 -5.62 6.18
C VAL A 55 -27.63 -6.21 4.84
N ALA A 56 -28.92 -6.14 4.55
CA ALA A 56 -29.46 -6.76 3.34
C ALA A 56 -30.39 -5.81 2.61
N THR A 57 -30.68 -6.16 1.37
CA THR A 57 -31.82 -5.59 0.67
C THR A 57 -33.02 -6.51 0.82
N GLN A 58 -34.16 -6.03 0.33
CA GLN A 58 -35.37 -6.85 0.30
C GLN A 58 -35.15 -8.14 -0.46
N ALA A 59 -34.52 -8.05 -1.63
CA ALA A 59 -34.25 -9.25 -2.41
C ALA A 59 -33.28 -10.19 -1.73
N SER A 60 -32.42 -9.71 -0.83
CA SER A 60 -31.42 -10.57 -0.22
C SER A 60 -31.70 -10.85 1.26
N LEU A 61 -32.86 -10.43 1.77
CA LEU A 61 -33.15 -10.59 3.19
C LEU A 61 -33.21 -12.07 3.60
N ALA A 62 -33.75 -12.92 2.71
CA ALA A 62 -33.86 -14.35 3.05
C ALA A 62 -32.49 -15.01 3.16
N ALA A 63 -31.61 -14.74 2.20
CA ALA A 63 -30.24 -15.23 2.28
C ALA A 63 -29.55 -14.77 3.57
N ALA A 64 -29.79 -13.52 3.98
CA ALA A 64 -29.19 -13.02 5.22
C ALA A 64 -29.75 -13.74 6.43
N GLU A 65 -31.07 -13.95 6.46
CA GLU A 65 -31.66 -14.71 7.53
C GLU A 65 -31.06 -16.11 7.62
N ALA A 66 -30.68 -16.69 6.47
CA ALA A 66 -30.08 -18.02 6.51
C ALA A 66 -28.66 -17.96 7.06
N VAL A 67 -27.89 -16.93 6.68
CA VAL A 67 -26.61 -16.71 7.38
C VAL A 67 -26.86 -16.57 8.88
N ALA A 68 -27.84 -15.74 9.26
CA ALA A 68 -28.06 -15.49 10.68
C ALA A 68 -28.41 -16.78 11.43
N ALA A 69 -29.20 -17.67 10.80
CA ALA A 69 -29.60 -18.91 11.47
C ALA A 69 -28.40 -19.80 11.75
N VAL A 70 -27.53 -19.95 10.77
CA VAL A 70 -26.31 -20.72 10.93
C VAL A 70 -25.43 -20.12 12.02
N ALA A 71 -25.31 -18.79 12.04
CA ALA A 71 -24.42 -18.14 13.00
C ALA A 71 -24.92 -18.30 14.44
N ARG A 72 -26.22 -18.09 14.68
CA ARG A 72 -26.71 -18.19 16.06
C ARG A 72 -26.53 -19.59 16.62
N ARG A 73 -26.55 -20.60 15.76
CA ARG A 73 -26.38 -21.94 16.27
C ARG A 73 -24.92 -22.27 16.57
N ARG A 74 -23.98 -21.37 16.24
CA ARG A 74 -22.58 -21.54 16.60
C ARG A 74 -22.19 -20.63 17.76
N GLY A 75 -23.15 -20.10 18.52
CA GLY A 75 -22.84 -19.21 19.60
C GLY A 75 -22.59 -17.75 19.24
N ILE A 76 -22.78 -17.34 17.99
CA ILE A 76 -22.45 -15.97 17.57
C ILE A 76 -23.61 -15.05 17.91
N GLU A 77 -23.31 -13.89 18.50
CA GLU A 77 -24.31 -12.88 18.74
C GLU A 77 -24.57 -12.13 17.43
N VAL A 78 -25.78 -12.21 16.90
CA VAL A 78 -26.10 -11.69 15.58
C VAL A 78 -26.93 -10.44 15.75
N HIS A 79 -26.57 -9.39 15.03
CA HIS A 79 -27.33 -8.15 14.97
C HIS A 79 -27.83 -7.96 13.54
N GLY A 80 -29.10 -7.65 13.40
CA GLY A 80 -29.69 -7.60 12.07
C GLY A 80 -30.19 -8.99 11.71
N PRO A 81 -30.52 -9.22 10.42
CA PRO A 81 -30.35 -8.33 9.25
C PRO A 81 -31.21 -7.08 9.27
N LEU A 82 -30.58 -5.97 8.94
CA LEU A 82 -31.27 -4.73 8.62
C LEU A 82 -31.48 -4.67 7.12
N GLN A 83 -32.53 -3.97 6.71
CA GLN A 83 -32.82 -3.79 5.30
C GLN A 83 -32.45 -2.37 4.86
N VAL A 84 -31.89 -2.25 3.66
CA VAL A 84 -31.79 -0.96 2.99
C VAL A 84 -32.92 -0.89 1.96
N ALA A 85 -33.70 0.20 2.02
CA ALA A 85 -34.82 0.38 1.09
C ALA A 85 -34.35 0.65 -0.35
N ASP A 86 -33.31 1.47 -0.54
CA ASP A 86 -32.79 1.71 -1.88
C ASP A 86 -31.37 1.17 -2.02
N PRO A 87 -31.19 0.03 -2.67
CA PRO A 87 -29.84 -0.54 -2.79
C PRO A 87 -28.91 0.30 -3.66
N ASN A 88 -29.42 1.23 -4.48
CA ASN A 88 -28.58 2.12 -5.27
C ASN A 88 -28.18 3.40 -4.53
N ASP A 89 -28.82 3.71 -3.41
CA ASP A 89 -28.46 4.86 -2.60
C ASP A 89 -27.37 4.45 -1.60
N PRO A 90 -26.11 4.87 -1.77
CA PRO A 90 -25.08 4.48 -0.80
C PRO A 90 -25.27 5.07 0.58
N ALA A 91 -26.07 6.14 0.72
CA ALA A 91 -26.30 6.70 2.05
C ALA A 91 -27.10 5.74 2.91
N ALA A 92 -28.04 5.02 2.30
CA ALA A 92 -28.86 4.09 3.07
C ALA A 92 -28.06 2.88 3.53
N SER A 93 -27.05 2.47 2.77
CA SER A 93 -26.17 1.39 3.21
C SER A 93 -25.21 1.88 4.29
N ARG A 94 -24.59 3.04 4.03
CA ARG A 94 -23.72 3.68 5.02
C ARG A 94 -24.40 3.75 6.38
N SER A 95 -25.68 4.15 6.42
CA SER A 95 -26.30 4.42 7.71
C SER A 95 -26.66 3.14 8.44
N GLN A 96 -27.09 2.07 7.73
CA GLN A 96 -27.39 0.81 8.39
C GLN A 96 -26.13 0.14 8.91
N VAL A 97 -25.06 0.13 8.10
CA VAL A 97 -23.79 -0.40 8.59
C VAL A 97 -23.28 0.40 9.77
N ALA A 98 -23.47 1.73 9.74
CA ALA A 98 -23.02 2.56 10.85
C ALA A 98 -23.85 2.28 12.11
N LEU A 99 -25.16 2.15 11.96
CA LEU A 99 -25.99 1.74 13.10
C LEU A 99 -25.48 0.43 13.68
N LEU A 100 -25.19 -0.55 12.81
CA LEU A 100 -24.78 -1.86 13.29
C LEU A 100 -23.40 -1.81 13.96
N LEU A 101 -22.49 -0.99 13.44
CA LEU A 101 -21.17 -0.91 14.06
C LEU A 101 -21.27 -0.31 15.45
N SER A 102 -22.09 0.71 15.63
CA SER A 102 -22.18 1.27 16.95
C SER A 102 -22.89 0.29 17.85
N GLU A 103 -23.82 -0.46 17.30
CA GLU A 103 -24.57 -1.44 18.07
C GLU A 103 -23.69 -2.57 18.55
N LEU A 104 -22.77 -3.00 17.74
CA LEU A 104 -21.87 -4.04 18.09
C LEU A 104 -20.91 -3.58 19.15
N ARG A 105 -20.41 -2.35 19.04
CA ARG A 105 -19.46 -1.82 20.01
C ARG A 105 -20.04 -1.67 21.42
N ARG A 106 -21.31 -1.33 21.51
CA ARG A 106 -21.96 -1.19 22.77
C ARG A 106 -22.25 -2.51 23.47
N ALA A 107 -22.23 -3.59 22.73
CA ALA A 107 -22.47 -4.89 23.25
C ALA A 107 -21.20 -5.47 23.76
N GLY A 108 -20.11 -4.77 23.57
CA GLY A 108 -18.82 -5.21 24.08
C GLY A 108 -17.84 -5.69 23.03
N CYS A 109 -18.18 -5.61 21.75
CA CYS A 109 -17.26 -6.00 20.68
C CYS A 109 -16.36 -4.82 20.36
N ARG A 110 -15.08 -5.07 20.07
CA ARG A 110 -14.22 -3.93 19.77
C ARG A 110 -13.24 -4.08 18.60
N GLU A 111 -12.89 -5.28 18.16
CA GLU A 111 -12.11 -5.36 16.92
C GLU A 111 -13.03 -5.87 15.82
N ILE A 112 -13.56 -4.93 15.03
CA ILE A 112 -14.57 -5.22 14.02
C ILE A 112 -14.02 -4.94 12.63
N ALA A 113 -14.32 -5.84 11.71
CA ALA A 113 -14.07 -5.64 10.29
C ALA A 113 -15.40 -5.61 9.54
N VAL A 114 -15.47 -4.76 8.52
CA VAL A 114 -16.62 -4.74 7.62
C VAL A 114 -16.25 -5.55 6.37
N ASP A 115 -16.95 -6.66 6.14
CA ASP A 115 -16.82 -7.38 4.88
C ASP A 115 -17.86 -6.84 3.90
N LEU A 116 -17.39 -6.24 2.81
CA LEU A 116 -18.24 -5.50 1.91
C LEU A 116 -18.36 -6.14 0.54
N THR A 117 -17.95 -7.40 0.40
CA THR A 117 -18.40 -8.20 -0.72
C THR A 117 -19.92 -8.28 -0.65
N GLY A 118 -20.61 -8.70 -1.68
CA GLY A 118 -22.06 -8.84 -1.53
C GLY A 118 -22.89 -7.60 -1.63
N GLY A 119 -23.82 -7.71 -2.54
CA GLY A 119 -24.65 -6.60 -2.87
C GLY A 119 -24.02 -5.87 -4.00
N LYS A 120 -24.73 -4.90 -4.49
CA LYS A 120 -24.26 -4.08 -5.57
C LYS A 120 -23.22 -3.10 -5.11
N LEU A 121 -22.58 -2.47 -6.05
CA LEU A 121 -21.58 -1.45 -5.78
C LEU A 121 -21.97 -0.38 -4.75
N PRO A 122 -23.12 0.28 -4.92
CA PRO A 122 -23.60 1.29 -3.99
C PRO A 122 -23.64 0.76 -2.60
N MET A 123 -24.11 -0.44 -2.41
CA MET A 123 -24.09 -1.05 -1.07
C MET A 123 -22.67 -1.16 -0.53
N SER A 124 -21.78 -1.78 -1.30
CA SER A 124 -20.38 -1.93 -0.86
C SER A 124 -19.76 -0.59 -0.52
N LEU A 125 -20.03 0.44 -1.35
CA LEU A 125 -19.42 1.76 -1.16
C LEU A 125 -20.00 2.46 0.05
N GLY A 126 -21.31 2.35 0.24
CA GLY A 126 -21.91 2.82 1.49
C GLY A 126 -21.26 2.16 2.70
N ALA A 127 -21.06 0.84 2.63
CA ALA A 127 -20.39 0.13 3.72
C ALA A 127 -18.96 0.59 3.88
N PHE A 128 -18.28 0.89 2.78
CA PHE A 128 -16.93 1.44 2.88
C PHE A 128 -16.92 2.80 3.54
N MET A 129 -17.83 3.68 3.14
CA MET A 129 -17.95 4.97 3.80
C MET A 129 -18.20 4.81 5.30
N ALA A 130 -19.14 3.92 5.68
CA ALA A 130 -19.42 3.81 7.11
C ALA A 130 -18.22 3.27 7.88
N ALA A 131 -17.47 2.35 7.27
CA ALA A 131 -16.34 1.74 7.95
C ALA A 131 -15.17 2.73 8.13
N GLU A 132 -14.95 3.57 7.12
CA GLU A 132 -13.89 4.58 7.24
C GLU A 132 -14.22 5.60 8.33
N GLU A 133 -15.45 6.08 8.35
CA GLU A 133 -15.86 7.05 9.36
C GLU A 133 -15.84 6.44 10.76
N ALA A 134 -16.06 5.13 10.88
CA ALA A 134 -16.02 4.47 12.18
C ALA A 134 -14.62 4.06 12.59
N GLY A 135 -13.66 4.09 11.68
CA GLY A 135 -12.31 3.64 11.97
C GLY A 135 -12.07 2.16 11.85
N VAL A 136 -13.01 1.38 11.27
CA VAL A 136 -12.82 -0.07 11.17
C VAL A 136 -12.22 -0.43 9.83
N ALA A 137 -11.49 -1.55 9.82
CA ALA A 137 -10.98 -2.13 8.59
C ALA A 137 -12.14 -2.64 7.71
N SER A 138 -11.93 -2.57 6.40
CA SER A 138 -12.86 -3.13 5.43
C SER A 138 -12.18 -4.30 4.72
N LEU A 139 -12.93 -5.38 4.52
CA LEU A 139 -12.42 -6.60 3.90
C LEU A 139 -13.17 -6.89 2.62
N TYR A 140 -12.59 -7.77 1.81
CA TYR A 140 -13.17 -8.15 0.54
C TYR A 140 -12.69 -9.56 0.22
N VAL A 141 -13.57 -10.37 -0.35
CA VAL A 141 -13.24 -11.74 -0.75
C VAL A 141 -12.95 -11.72 -2.25
N ALA A 142 -11.69 -11.92 -2.62
CA ALA A 142 -11.30 -12.01 -4.03
C ALA A 142 -11.33 -13.47 -4.47
N THR A 143 -12.04 -13.73 -5.57
CA THR A 143 -12.20 -15.10 -6.08
C THR A 143 -11.66 -15.29 -7.49
N PRO A 152 -24.95 -6.87 -20.03
CA PRO A 152 -25.80 -6.03 -19.17
C PRO A 152 -26.80 -5.21 -19.98
N ASP A 153 -28.06 -5.20 -19.57
CA ASP A 153 -29.10 -4.47 -20.31
C ASP A 153 -28.99 -2.97 -20.05
N MET A 154 -28.96 -2.19 -21.13
CA MET A 154 -28.88 -0.74 -21.02
C MET A 154 -30.18 -0.05 -21.42
N ARG A 155 -31.24 -0.83 -21.67
CA ARG A 155 -32.53 -0.26 -22.05
C ARG A 155 -32.94 0.86 -21.13
N THR A 156 -32.76 0.65 -19.82
CA THR A 156 -33.14 1.65 -18.83
C THR A 156 -32.04 1.74 -17.78
N ALA A 157 -31.51 2.94 -17.61
CA ALA A 157 -30.39 3.16 -16.72
C ALA A 157 -30.51 4.57 -16.17
N THR A 158 -30.02 4.75 -14.96
CA THR A 158 -29.95 6.08 -14.36
C THR A 158 -28.51 6.31 -13.90
N LEU A 159 -28.04 7.54 -14.07
CA LEU A 159 -26.72 7.94 -13.64
C LEU A 159 -26.85 8.71 -12.33
N ARG A 160 -26.23 8.20 -11.27
CA ARG A 160 -26.32 8.83 -9.96
C ARG A 160 -24.96 9.34 -9.51
N GLN A 161 -24.98 10.41 -8.74
CA GLN A 161 -23.79 11.01 -8.16
C GLN A 161 -23.73 10.40 -6.78
N ILE A 162 -22.60 9.81 -6.45
CA ILE A 162 -22.43 9.09 -5.21
C ILE A 162 -21.64 9.79 -4.14
N SER A 163 -20.92 10.82 -4.51
CA SER A 163 -20.12 11.61 -3.61
C SER A 163 -19.99 12.90 -4.35
N GLN A 164 -20.30 13.98 -3.70
CA GLN A 164 -20.27 15.29 -4.30
C GLN A 164 -19.47 16.15 -3.36
N PRO A 165 -18.16 16.00 -3.36
CA PRO A 165 -17.29 16.76 -2.49
C PRO A 165 -16.73 17.99 -3.18
N TRP B 27 -20.76 17.46 -17.20
CA TRP B 27 -19.36 17.05 -17.03
C TRP B 27 -18.50 17.24 -18.31
N GLU B 28 -17.37 17.93 -18.13
CA GLU B 28 -16.32 18.14 -19.13
C GLU B 28 -15.40 16.93 -19.30
N GLY B 29 -15.10 16.24 -18.22
CA GLY B 29 -14.23 15.07 -18.26
C GLY B 29 -14.78 13.94 -17.41
N VAL B 30 -14.42 12.72 -17.79
CA VAL B 30 -14.83 11.51 -17.08
C VAL B 30 -13.70 10.50 -17.11
N VAL B 31 -13.34 9.98 -15.93
CA VAL B 31 -12.42 8.87 -15.82
C VAL B 31 -13.24 7.60 -15.54
N PHE B 32 -13.05 6.58 -16.37
CA PHE B 32 -13.75 5.30 -16.26
C PHE B 32 -12.82 4.21 -15.74
N THR B 33 -13.27 3.48 -14.71
CA THR B 33 -12.79 2.11 -14.52
C THR B 33 -13.60 1.20 -15.42
N VAL B 34 -12.93 0.24 -16.05
CA VAL B 34 -13.47 -0.47 -17.21
C VAL B 34 -13.46 -1.97 -16.93
N SER B 35 -14.60 -2.61 -17.11
CA SER B 35 -14.60 -4.04 -17.33
C SER B 35 -15.31 -4.42 -18.62
N ASN B 36 -16.44 -3.79 -18.93
CA ASN B 36 -17.08 -3.93 -20.23
C ASN B 36 -17.12 -2.59 -20.96
N GLU B 37 -17.32 -2.67 -22.26
CA GLU B 37 -17.30 -1.47 -23.09
C GLU B 37 -18.65 -0.79 -23.21
N SER B 38 -19.73 -1.53 -23.02
CA SER B 38 -21.06 -1.03 -23.41
C SER B 38 -21.53 0.06 -22.46
N VAL B 39 -21.23 -0.07 -21.17
CA VAL B 39 -21.72 0.87 -20.15
C VAL B 39 -20.98 2.21 -20.24
N PRO B 40 -19.64 2.23 -20.38
CA PRO B 40 -18.98 3.53 -20.57
C PRO B 40 -19.47 4.26 -21.82
N ARG B 41 -19.77 3.51 -22.88
CA ARG B 41 -20.30 4.12 -24.09
C ARG B 41 -21.61 4.84 -23.82
N TRP B 42 -22.49 4.22 -23.04
CA TRP B 42 -23.77 4.85 -22.74
C TRP B 42 -23.59 6.11 -21.91
N VAL B 43 -22.64 6.09 -20.96
CA VAL B 43 -22.35 7.30 -20.19
C VAL B 43 -21.83 8.41 -21.11
N MET B 44 -21.00 8.05 -22.09
CA MET B 44 -20.48 9.02 -23.06
C MET B 44 -21.61 9.80 -23.72
N ALA B 45 -22.62 9.09 -24.20
CA ALA B 45 -23.75 9.73 -24.86
C ALA B 45 -24.55 10.59 -23.88
N GLN B 46 -24.63 10.17 -22.62
CA GLN B 46 -25.42 10.92 -21.65
C GLN B 46 -24.83 12.30 -21.41
N ILE B 47 -23.52 12.36 -21.15
CA ILE B 47 -22.92 13.57 -20.63
C ILE B 47 -22.04 14.28 -21.63
N GLN B 48 -21.69 13.62 -22.75
CA GLN B 48 -20.91 14.24 -23.82
C GLN B 48 -19.71 15.01 -23.28
N PRO B 49 -18.75 14.35 -22.63
CA PRO B 49 -17.57 15.07 -22.13
C PRO B 49 -16.60 15.36 -23.27
N ALA B 50 -15.66 16.25 -22.97
CA ALA B 50 -14.61 16.59 -23.91
C ALA B 50 -13.32 15.82 -23.66
N TYR B 51 -13.11 15.33 -22.44
CA TYR B 51 -11.95 14.52 -22.10
C TYR B 51 -12.40 13.24 -21.39
N MET B 52 -11.60 12.19 -21.57
CA MET B 52 -11.93 10.89 -21.03
C MET B 52 -10.66 10.18 -20.62
N GLY B 53 -10.71 9.53 -19.46
CA GLY B 53 -9.63 8.67 -19.02
C GLY B 53 -10.16 7.27 -18.79
N LEU B 54 -9.27 6.29 -18.90
CA LEU B 54 -9.64 4.89 -18.89
C LEU B 54 -8.62 4.11 -18.08
N VAL B 55 -9.09 3.37 -17.09
CA VAL B 55 -8.26 2.44 -16.32
C VAL B 55 -8.84 1.05 -16.46
N ALA B 56 -7.98 0.08 -16.80
CA ALA B 56 -8.43 -1.28 -17.00
C ALA B 56 -7.45 -2.26 -16.38
N THR B 57 -7.86 -3.51 -16.36
CA THR B 57 -6.96 -4.62 -16.06
C THR B 57 -6.45 -5.20 -17.38
N GLN B 58 -5.58 -6.19 -17.27
CA GLN B 58 -5.10 -6.87 -18.46
C GLN B 58 -6.25 -7.55 -19.18
N ALA B 59 -7.13 -8.21 -18.43
CA ALA B 59 -8.22 -8.94 -19.06
C ALA B 59 -9.24 -7.99 -19.67
N SER B 60 -9.42 -6.81 -19.09
CA SER B 60 -10.44 -5.89 -19.57
C SER B 60 -9.86 -4.83 -20.50
N LEU B 61 -8.58 -4.95 -20.87
CA LEU B 61 -7.93 -3.94 -21.72
C LEU B 61 -8.60 -3.84 -23.09
N ALA B 62 -9.00 -4.97 -23.68
CA ALA B 62 -9.66 -4.90 -24.98
C ALA B 62 -10.96 -4.10 -24.91
N ALA B 63 -11.71 -4.22 -23.82
CA ALA B 63 -12.92 -3.40 -23.65
C ALA B 63 -12.56 -1.93 -23.57
N ALA B 64 -11.52 -1.59 -22.80
CA ALA B 64 -11.12 -0.20 -22.64
C ALA B 64 -10.69 0.39 -23.97
N GLU B 65 -9.94 -0.37 -24.76
CA GLU B 65 -9.56 0.08 -26.09
C GLU B 65 -10.77 0.27 -27.00
N ALA B 66 -11.80 -0.59 -26.85
CA ALA B 66 -13.01 -0.38 -27.66
C ALA B 66 -13.71 0.90 -27.27
N VAL B 67 -13.74 1.21 -25.97
CA VAL B 67 -14.28 2.50 -25.52
C VAL B 67 -13.46 3.64 -26.12
N ALA B 68 -12.13 3.54 -26.03
CA ALA B 68 -11.27 4.59 -26.54
C ALA B 68 -11.50 4.85 -28.03
N ALA B 69 -11.68 3.77 -28.82
CA ALA B 69 -11.85 3.93 -30.27
C ALA B 69 -13.11 4.72 -30.63
N VAL B 70 -14.26 4.38 -30.04
CA VAL B 70 -15.46 5.15 -30.32
C VAL B 70 -15.32 6.60 -29.84
N ALA B 71 -14.67 6.81 -28.68
CA ALA B 71 -14.53 8.17 -28.15
C ALA B 71 -13.65 9.04 -29.03
N ARG B 72 -12.62 8.46 -29.64
CA ARG B 72 -11.70 9.23 -30.47
C ARG B 72 -12.40 9.80 -31.69
N ARG B 73 -13.20 8.97 -32.36
CA ARG B 73 -13.92 9.34 -33.58
C ARG B 73 -15.07 10.30 -33.32
N ARG B 74 -15.46 10.51 -32.06
CA ARG B 74 -16.37 11.60 -31.71
C ARG B 74 -15.63 12.85 -31.26
N GLY B 75 -14.30 12.84 -31.31
CA GLY B 75 -13.56 14.04 -30.97
C GLY B 75 -13.17 14.17 -29.53
N ILE B 76 -13.44 13.17 -28.71
CA ILE B 76 -13.04 13.26 -27.32
C ILE B 76 -11.55 13.01 -27.19
N GLU B 77 -10.88 13.80 -26.36
CA GLU B 77 -9.49 13.55 -26.03
C GLU B 77 -9.42 12.43 -24.99
N VAL B 78 -8.72 11.34 -25.35
CA VAL B 78 -8.71 10.10 -24.58
C VAL B 78 -7.36 9.94 -23.91
N HIS B 79 -7.36 9.76 -22.59
CA HIS B 79 -6.15 9.50 -21.82
C HIS B 79 -6.23 8.08 -21.25
N GLY B 80 -5.16 7.31 -21.45
CA GLY B 80 -5.17 5.91 -21.14
C GLY B 80 -5.53 5.09 -22.37
N PRO B 81 -5.91 3.81 -22.20
CA PRO B 81 -6.08 3.08 -20.94
C PRO B 81 -4.79 2.86 -20.18
N LEU B 82 -4.90 3.00 -18.87
CA LEU B 82 -3.87 2.60 -17.93
C LEU B 82 -4.24 1.25 -17.36
N GLN B 83 -3.24 0.38 -17.20
CA GLN B 83 -3.46 -0.97 -16.69
C GLN B 83 -3.06 -1.06 -15.21
N VAL B 84 -3.82 -1.81 -14.44
CA VAL B 84 -3.41 -2.13 -13.07
C VAL B 84 -2.85 -3.53 -13.06
N ALA B 85 -1.65 -3.67 -12.48
CA ALA B 85 -1.04 -4.99 -12.35
C ALA B 85 -1.93 -5.95 -11.57
N ASP B 86 -2.21 -5.62 -10.30
CA ASP B 86 -3.10 -6.47 -9.51
C ASP B 86 -4.45 -5.81 -9.28
N PRO B 87 -5.52 -6.27 -9.95
CA PRO B 87 -6.84 -5.65 -9.74
C PRO B 87 -7.44 -5.91 -8.36
N ASN B 88 -7.03 -6.93 -7.64
CA ASN B 88 -7.53 -7.13 -6.28
C ASN B 88 -6.92 -6.18 -5.25
N ASP B 89 -5.94 -5.35 -5.65
CA ASP B 89 -5.34 -4.36 -4.77
C ASP B 89 -5.93 -2.99 -5.04
N PRO B 90 -6.79 -2.47 -4.17
CA PRO B 90 -7.34 -1.12 -4.41
C PRO B 90 -6.29 -0.03 -4.62
N ALA B 91 -5.12 -0.13 -3.98
CA ALA B 91 -4.12 0.94 -4.12
C ALA B 91 -3.70 1.11 -5.57
N ALA B 92 -3.57 0.02 -6.28
CA ALA B 92 -3.17 0.07 -7.67
C ALA B 92 -4.12 0.82 -8.54
N SER B 93 -5.40 0.64 -8.32
CA SER B 93 -6.39 1.33 -9.09
C SER B 93 -6.45 2.77 -8.71
N ARG B 94 -6.30 3.00 -7.40
CA ARG B 94 -6.33 4.36 -6.85
C ARG B 94 -5.25 5.24 -7.43
N SER B 95 -4.04 4.70 -7.57
CA SER B 95 -2.98 5.47 -8.10
C SER B 95 -3.14 5.73 -9.58
N GLN B 96 -3.67 4.77 -10.34
CA GLN B 96 -3.84 4.99 -11.78
C GLN B 96 -4.92 6.02 -12.05
N VAL B 97 -6.02 6.00 -11.28
CA VAL B 97 -7.06 7.01 -11.44
C VAL B 97 -6.53 8.39 -11.04
N ALA B 98 -5.68 8.42 -10.01
CA ALA B 98 -5.04 9.66 -9.59
C ALA B 98 -4.22 10.28 -10.73
N LEU B 99 -3.34 9.47 -11.33
CA LEU B 99 -2.59 9.94 -12.51
C LEU B 99 -3.52 10.51 -13.57
N LEU B 100 -4.59 9.80 -13.89
CA LEU B 100 -5.47 10.28 -14.96
C LEU B 100 -6.21 11.54 -14.57
N LEU B 101 -6.62 11.65 -13.31
CA LEU B 101 -7.29 12.87 -12.87
C LEU B 101 -6.34 14.07 -13.01
N SER B 102 -5.05 13.87 -12.75
CA SER B 102 -4.06 14.93 -12.91
C SER B 102 -3.80 15.24 -14.38
N GLU B 103 -3.59 14.21 -15.20
CA GLU B 103 -3.36 14.41 -16.63
C GLU B 103 -4.52 15.18 -17.26
N LEU B 104 -5.75 14.91 -16.83
CA LEU B 104 -6.91 15.62 -17.37
C LEU B 104 -6.95 17.07 -16.91
N ARG B 105 -6.54 17.34 -15.70
CA ARG B 105 -6.55 18.72 -15.24
C ARG B 105 -5.51 19.52 -16.04
N ARG B 106 -4.40 18.89 -16.37
CA ARG B 106 -3.36 19.53 -17.13
C ARG B 106 -3.82 19.85 -18.52
N ALA B 107 -4.52 18.94 -19.14
CA ALA B 107 -4.96 19.17 -20.48
C ALA B 107 -5.96 20.30 -20.57
N GLY B 108 -6.28 20.90 -19.43
CA GLY B 108 -7.22 22.00 -19.41
C GLY B 108 -8.63 21.66 -19.01
N CYS B 109 -8.88 20.46 -18.49
CA CYS B 109 -10.23 20.08 -18.07
C CYS B 109 -10.47 20.44 -16.62
N ARG B 110 -11.56 21.16 -16.35
CA ARG B 110 -11.86 21.62 -14.98
C ARG B 110 -13.03 20.91 -14.29
N GLU B 111 -13.94 20.34 -15.05
CA GLU B 111 -15.08 19.61 -14.49
C GLU B 111 -14.87 18.13 -14.80
N ILE B 112 -14.35 17.40 -13.82
CA ILE B 112 -14.05 15.98 -13.98
C ILE B 112 -14.90 15.16 -13.01
N ALA B 113 -15.37 14.01 -13.48
CA ALA B 113 -15.98 13.05 -12.56
C ALA B 113 -15.42 11.66 -12.84
N VAL B 114 -15.54 10.79 -11.83
CA VAL B 114 -15.08 9.42 -11.91
C VAL B 114 -16.32 8.51 -11.91
N ASP B 115 -16.57 7.82 -13.03
CA ASP B 115 -17.57 6.76 -13.08
C ASP B 115 -16.90 5.44 -12.68
N LEU B 116 -17.24 4.93 -11.50
CA LEU B 116 -16.60 3.72 -10.99
C LEU B 116 -17.44 2.47 -11.19
N THR B 117 -18.39 2.48 -12.13
CA THR B 117 -19.24 1.31 -12.35
C THR B 117 -18.42 0.08 -12.74
N GLY B 118 -17.43 0.24 -13.59
CA GLY B 118 -16.75 -0.91 -14.14
C GLY B 118 -15.66 -1.45 -13.23
N GLY B 119 -15.23 -2.68 -13.53
CA GLY B 119 -14.15 -3.32 -12.82
C GLY B 119 -14.63 -4.14 -11.64
N LYS B 120 -13.70 -4.88 -11.06
CA LYS B 120 -14.04 -5.53 -9.81
C LYS B 120 -14.15 -4.51 -8.69
N LEU B 121 -14.74 -4.97 -7.59
CA LEU B 121 -14.95 -4.11 -6.43
C LEU B 121 -13.72 -3.31 -6.00
N PRO B 122 -12.51 -3.90 -5.86
CA PRO B 122 -11.36 -3.09 -5.41
C PRO B 122 -10.94 -2.00 -6.39
N MET B 123 -11.18 -2.22 -7.69
CA MET B 123 -10.99 -1.16 -8.67
C MET B 123 -11.94 0.00 -8.43
N SER B 124 -13.24 -0.31 -8.32
CA SER B 124 -14.22 0.73 -8.00
C SER B 124 -13.86 1.40 -6.69
N LEU B 125 -13.39 0.62 -5.70
CA LEU B 125 -13.04 1.20 -4.41
C LEU B 125 -11.80 2.08 -4.52
N GLY B 126 -10.76 1.61 -5.20
CA GLY B 126 -9.60 2.46 -5.43
C GLY B 126 -9.94 3.72 -6.19
N ALA B 127 -10.83 3.62 -7.18
CA ALA B 127 -11.23 4.79 -7.95
C ALA B 127 -11.96 5.80 -7.08
N PHE B 128 -12.86 5.33 -6.23
CA PHE B 128 -13.56 6.21 -5.30
C PHE B 128 -12.58 6.88 -4.35
N MET B 129 -11.60 6.12 -3.85
CA MET B 129 -10.56 6.70 -3.00
C MET B 129 -9.86 7.85 -3.72
N ALA B 130 -9.42 7.61 -4.96
CA ALA B 130 -8.72 8.65 -5.73
C ALA B 130 -9.61 9.88 -5.91
N ALA B 131 -10.90 9.67 -6.16
CA ALA B 131 -11.84 10.74 -6.41
C ALA B 131 -12.19 11.53 -5.15
N GLU B 132 -12.29 10.85 -4.00
CA GLU B 132 -12.48 11.56 -2.74
C GLU B 132 -11.23 12.38 -2.41
N GLU B 133 -10.06 11.82 -2.68
CA GLU B 133 -8.80 12.43 -2.31
C GLU B 133 -8.46 13.61 -3.20
N ALA B 134 -9.05 13.70 -4.39
CA ALA B 134 -8.86 14.86 -5.27
C ALA B 134 -10.04 15.79 -5.27
N GLY B 135 -11.09 15.46 -4.52
CA GLY B 135 -12.25 16.33 -4.46
C GLY B 135 -13.16 16.32 -5.66
N VAL B 136 -13.23 15.21 -6.41
CA VAL B 136 -14.10 15.16 -7.58
C VAL B 136 -15.29 14.23 -7.31
N ALA B 137 -16.31 14.36 -8.15
CA ALA B 137 -17.55 13.64 -7.96
C ALA B 137 -17.43 12.21 -8.50
N SER B 138 -17.99 11.28 -7.76
CA SER B 138 -18.08 9.88 -8.17
C SER B 138 -19.47 9.60 -8.74
N LEU B 139 -19.52 8.84 -9.83
CA LEU B 139 -20.79 8.48 -10.46
C LEU B 139 -20.95 6.97 -10.53
N TYR B 140 -22.19 6.55 -10.68
CA TYR B 140 -22.51 5.13 -10.79
C TYR B 140 -23.71 5.00 -11.70
N VAL B 141 -23.73 3.90 -12.44
CA VAL B 141 -24.78 3.62 -13.39
C VAL B 141 -25.61 2.48 -12.80
N ALA B 142 -26.73 2.84 -12.15
CA ALA B 142 -27.70 1.87 -11.71
C ALA B 142 -28.44 1.24 -12.89
N THR B 143 -28.43 -0.10 -12.96
CA THR B 143 -29.15 -0.83 -14.01
C THR B 143 -30.45 -1.50 -13.51
N MET B 154 -15.17 -21.24 -4.40
CA MET B 154 -14.73 -20.78 -3.08
C MET B 154 -13.41 -21.43 -2.67
N ARG B 155 -12.86 -22.29 -3.53
CA ARG B 155 -11.51 -22.77 -3.30
C ARG B 155 -10.48 -21.77 -3.78
N THR B 156 -10.86 -20.87 -4.68
CA THR B 156 -10.00 -19.79 -5.14
C THR B 156 -9.98 -18.60 -4.18
N ALA B 157 -10.93 -18.52 -3.25
CA ALA B 157 -11.15 -17.27 -2.53
C ALA B 157 -10.01 -16.99 -1.56
N THR B 158 -9.57 -15.74 -1.53
CA THR B 158 -8.74 -15.25 -0.44
C THR B 158 -9.47 -14.10 0.23
N LEU B 159 -9.23 -13.95 1.52
CA LEU B 159 -9.69 -12.77 2.24
C LEU B 159 -8.61 -11.70 2.18
N ARG B 160 -8.98 -10.51 1.78
CA ARG B 160 -8.06 -9.42 1.62
C ARG B 160 -8.50 -8.18 2.35
N GLN B 161 -7.57 -7.30 2.66
CA GLN B 161 -7.91 -6.07 3.31
C GLN B 161 -7.95 -4.94 2.31
N ILE B 162 -8.95 -4.10 2.45
CA ILE B 162 -9.19 -2.99 1.58
C ILE B 162 -8.73 -1.74 2.24
N SER B 163 -9.03 -1.61 3.52
CA SER B 163 -8.67 -0.43 4.25
C SER B 163 -8.57 -0.62 5.75
N GLN B 164 -7.58 -0.01 6.38
CA GLN B 164 -7.37 -0.11 7.81
C GLN B 164 -7.10 1.26 8.44
N PRO B 165 -8.13 1.89 8.99
CA PRO B 165 -7.87 3.20 9.57
C PRO B 165 -7.73 3.20 11.08
N TRP C 27 -0.51 -14.56 5.22
CA TRP C 27 0.86 -15.05 5.01
C TRP C 27 1.13 -16.31 5.80
N GLU C 28 1.62 -17.34 5.15
CA GLU C 28 1.90 -18.54 5.89
C GLU C 28 3.32 -18.56 6.47
N GLY C 29 4.19 -17.78 5.89
CA GLY C 29 5.59 -17.73 6.29
C GLY C 29 6.22 -16.34 6.27
N VAL C 30 6.93 -15.98 7.33
CA VAL C 30 7.50 -14.65 7.49
C VAL C 30 8.96 -14.78 7.87
N VAL C 31 9.81 -13.98 7.24
CA VAL C 31 11.20 -13.83 7.67
C VAL C 31 11.40 -12.42 8.16
N PHE C 32 11.81 -12.28 9.41
CA PHE C 32 12.05 -11.00 10.06
C PHE C 32 13.55 -10.72 10.12
N THR C 33 13.96 -9.50 9.76
CA THR C 33 15.19 -8.94 10.32
C THR C 33 14.83 -8.36 11.68
N VAL C 34 15.65 -8.62 12.70
CA VAL C 34 15.28 -8.33 14.08
C VAL C 34 16.22 -7.28 14.67
N SER C 35 15.63 -6.27 15.34
CA SER C 35 16.39 -5.39 16.22
C SER C 35 15.65 -5.23 17.54
N ASN C 36 14.33 -5.34 17.52
CA ASN C 36 13.52 -5.28 18.73
C ASN C 36 12.52 -6.43 18.71
N GLU C 37 12.03 -6.81 19.88
CA GLU C 37 11.13 -7.94 19.95
C GLU C 37 9.68 -7.53 19.74
N SER C 38 9.32 -6.30 20.10
CA SER C 38 7.92 -5.92 20.18
C SER C 38 7.27 -5.82 18.80
N VAL C 39 8.00 -5.34 17.80
CA VAL C 39 7.40 -5.15 16.47
C VAL C 39 7.13 -6.47 15.76
N PRO C 40 8.11 -7.38 15.63
CA PRO C 40 7.78 -8.67 15.00
C PRO C 40 6.63 -9.41 15.68
N ARG C 41 6.49 -9.28 17.01
CA ARG C 41 5.34 -9.86 17.68
C ARG C 41 4.04 -9.26 17.17
N TRP C 42 3.98 -7.92 17.06
CA TRP C 42 2.81 -7.27 16.49
C TRP C 42 2.54 -7.74 15.07
N VAL C 43 3.59 -8.01 14.29
CA VAL C 43 3.38 -8.54 12.95
C VAL C 43 2.88 -9.97 13.01
N MET C 44 3.38 -10.75 13.96
CA MET C 44 2.94 -12.14 14.13
C MET C 44 1.42 -12.23 14.28
N ALA C 45 0.84 -11.34 15.10
CA ALA C 45 -0.62 -11.32 15.25
C ALA C 45 -1.31 -10.98 13.94
N GLN C 46 -0.92 -9.87 13.30
CA GLN C 46 -1.59 -9.42 12.08
C GLN C 46 -1.58 -10.49 10.99
N ILE C 47 -0.55 -11.32 10.97
CA ILE C 47 -0.28 -12.18 9.82
C ILE C 47 -0.53 -13.66 10.12
N GLN C 48 -0.48 -14.08 11.40
CA GLN C 48 -0.64 -15.45 11.90
C GLN C 48 0.05 -16.45 10.99
N PRO C 49 1.38 -16.43 10.91
CA PRO C 49 2.09 -17.36 10.04
C PRO C 49 2.23 -18.71 10.70
N ALA C 50 2.59 -19.70 9.89
CA ALA C 50 2.88 -21.05 10.36
C ALA C 50 4.37 -21.34 10.41
N TYR C 51 5.16 -20.55 9.70
CA TYR C 51 6.61 -20.62 9.67
C TYR C 51 7.16 -19.22 9.93
N MET C 52 8.35 -19.20 10.52
CA MET C 52 9.00 -17.93 10.81
C MET C 52 10.51 -18.14 10.70
N GLY C 53 11.17 -17.19 10.06
CA GLY C 53 12.62 -17.12 10.08
C GLY C 53 13.02 -15.82 10.75
N LEU C 54 14.21 -15.83 11.36
CA LEU C 54 14.70 -14.71 12.16
C LEU C 54 16.17 -14.48 11.85
N VAL C 55 16.51 -13.25 11.50
CA VAL C 55 17.88 -12.82 11.33
C VAL C 55 18.15 -11.71 12.34
N ALA C 56 19.21 -11.88 13.14
CA ALA C 56 19.54 -10.94 14.19
C ALA C 56 21.01 -10.55 14.07
N THR C 57 21.42 -9.66 14.96
CA THR C 57 22.82 -9.37 15.19
C THR C 57 23.17 -9.81 16.61
N GLN C 58 24.46 -9.70 16.92
CA GLN C 58 24.90 -10.04 18.27
C GLN C 58 24.11 -9.25 19.29
N ALA C 59 23.86 -7.96 19.01
CA ALA C 59 23.17 -7.12 19.99
C ALA C 59 21.70 -7.50 20.13
N SER C 60 21.04 -7.85 19.01
CA SER C 60 19.62 -8.15 19.01
C SER C 60 19.30 -9.63 19.13
N LEU C 61 20.31 -10.48 19.29
CA LEU C 61 20.08 -11.92 19.39
C LEU C 61 19.00 -12.25 20.43
N ALA C 62 19.13 -11.70 21.66
CA ALA C 62 18.20 -12.06 22.72
C ALA C 62 16.76 -11.68 22.37
N ALA C 63 16.57 -10.50 21.78
CA ALA C 63 15.25 -10.09 21.33
C ALA C 63 14.69 -11.11 20.34
N ALA C 64 15.49 -11.45 19.33
CA ALA C 64 15.08 -12.43 18.33
C ALA C 64 14.71 -13.77 18.98
N GLU C 65 15.51 -14.22 19.96
CA GLU C 65 15.18 -15.45 20.68
C GLU C 65 13.89 -15.29 21.48
N ALA C 66 13.60 -14.09 21.96
CA ALA C 66 12.31 -13.86 22.63
C ALA C 66 11.15 -13.96 21.64
N VAL C 67 11.35 -13.51 20.40
CA VAL C 67 10.30 -13.69 19.39
C VAL C 67 10.15 -15.16 19.04
N ALA C 68 11.26 -15.87 18.87
CA ALA C 68 11.21 -17.30 18.57
C ALA C 68 10.47 -18.06 19.66
N ALA C 69 10.62 -17.65 20.93
CA ALA C 69 10.01 -18.39 22.03
C ALA C 69 8.49 -18.23 22.03
N VAL C 70 8.01 -17.00 21.79
CA VAL C 70 6.58 -16.75 21.65
C VAL C 70 6.02 -17.51 20.47
N ALA C 71 6.76 -17.53 19.36
CA ALA C 71 6.27 -18.23 18.18
C ALA C 71 6.15 -19.73 18.43
N ARG C 72 7.21 -20.35 18.97
CA ARG C 72 7.18 -21.80 19.19
C ARG C 72 5.99 -22.19 20.06
N ARG C 73 5.57 -21.32 20.96
CA ARG C 73 4.49 -21.63 21.87
C ARG C 73 3.08 -21.41 21.30
N ARG C 74 2.94 -20.81 20.12
CA ARG C 74 1.65 -20.87 19.45
C ARG C 74 1.69 -21.76 18.22
N GLY C 75 2.73 -22.58 18.10
CA GLY C 75 2.76 -23.63 17.09
C GLY C 75 3.48 -23.29 15.81
N ILE C 76 4.18 -22.20 15.75
CA ILE C 76 4.88 -21.86 14.52
C ILE C 76 6.20 -22.61 14.50
N GLU C 77 6.56 -23.19 13.35
CA GLU C 77 7.89 -23.73 13.14
C GLU C 77 8.87 -22.57 12.94
N VAL C 78 9.87 -22.45 13.81
CA VAL C 78 10.78 -21.30 13.78
C VAL C 78 12.14 -21.76 13.30
N HIS C 79 12.72 -20.98 12.38
CA HIS C 79 14.05 -21.22 11.84
C HIS C 79 14.93 -20.02 12.13
N GLY C 80 16.12 -20.27 12.65
CA GLY C 80 16.96 -19.23 13.18
C GLY C 80 16.72 -19.10 14.67
N PRO C 81 17.16 -17.99 15.29
CA PRO C 81 17.81 -16.80 14.73
C PRO C 81 19.20 -17.05 14.13
N LEU C 82 19.41 -16.61 12.90
CA LEU C 82 20.74 -16.50 12.33
C LEU C 82 21.34 -15.12 12.66
N GLN C 83 22.66 -15.07 12.76
CA GLN C 83 23.35 -13.84 13.12
C GLN C 83 24.04 -13.25 11.88
N VAL C 84 23.93 -11.94 11.73
CA VAL C 84 24.71 -11.19 10.76
C VAL C 84 25.96 -10.70 11.46
N ALA C 85 27.13 -11.09 10.93
CA ALA C 85 28.39 -10.69 11.57
C ALA C 85 28.72 -9.21 11.36
N ASP C 86 28.20 -8.59 10.30
CA ASP C 86 28.48 -7.17 10.01
C ASP C 86 27.20 -6.48 9.60
N PRO C 87 26.50 -5.87 10.56
CA PRO C 87 25.21 -5.24 10.25
C PRO C 87 25.31 -4.10 9.26
N ASN C 88 26.47 -3.46 9.12
CA ASN C 88 26.62 -2.40 8.14
C ASN C 88 26.76 -2.92 6.73
N ASP C 89 26.98 -4.22 6.53
CA ASP C 89 27.20 -4.76 5.19
C ASP C 89 25.95 -5.49 4.72
N PRO C 90 25.25 -5.00 3.69
CA PRO C 90 24.01 -5.66 3.27
C PRO C 90 24.23 -7.05 2.71
N ALA C 91 25.43 -7.34 2.20
CA ALA C 91 25.68 -8.68 1.69
C ALA C 91 25.60 -9.73 2.80
N ALA C 92 25.94 -9.36 4.03
CA ALA C 92 25.87 -10.34 5.10
C ALA C 92 24.44 -10.59 5.54
N SER C 93 23.58 -9.58 5.47
CA SER C 93 22.17 -9.81 5.74
C SER C 93 21.51 -10.56 4.58
N ARG C 94 21.86 -10.20 3.34
CA ARG C 94 21.27 -10.87 2.19
C ARG C 94 21.54 -12.37 2.22
N SER C 95 22.78 -12.78 2.53
CA SER C 95 23.12 -14.19 2.51
C SER C 95 22.36 -14.98 3.58
N GLN C 96 22.13 -14.39 4.75
CA GLN C 96 21.40 -15.09 5.79
C GLN C 96 19.89 -15.07 5.57
N VAL C 97 19.37 -14.01 4.96
CA VAL C 97 17.96 -13.99 4.61
C VAL C 97 17.70 -14.93 3.44
N ALA C 98 18.67 -15.07 2.53
CA ALA C 98 18.53 -16.07 1.48
C ALA C 98 18.44 -17.48 2.07
N LEU C 99 19.23 -17.76 3.08
CA LEU C 99 19.21 -19.04 3.72
C LEU C 99 17.87 -19.37 4.34
N LEU C 100 17.32 -18.46 5.10
CA LEU C 100 16.08 -18.70 5.75
C LEU C 100 14.94 -18.93 4.80
N LEU C 101 14.89 -18.19 3.71
CA LEU C 101 13.84 -18.34 2.73
C LEU C 101 13.86 -19.72 2.13
N SER C 102 15.04 -20.21 1.83
CA SER C 102 15.24 -21.50 1.30
C SER C 102 14.83 -22.59 2.29
N GLU C 103 15.08 -22.38 3.57
CA GLU C 103 14.69 -23.33 4.61
C GLU C 103 13.16 -23.38 4.69
N LEU C 104 12.54 -22.23 4.63
CA LEU C 104 11.13 -22.20 4.73
C LEU C 104 10.52 -22.90 3.54
N ARG C 105 11.03 -22.63 2.36
CA ARG C 105 10.50 -23.24 1.14
C ARG C 105 10.67 -24.75 1.12
N ARG C 106 11.73 -25.23 1.74
CA ARG C 106 11.98 -26.67 1.78
C ARG C 106 11.12 -27.35 2.85
N ALA C 107 10.64 -26.57 3.80
CA ALA C 107 9.78 -27.10 4.84
C ALA C 107 8.38 -27.26 4.27
N GLY C 108 8.16 -26.71 3.08
CA GLY C 108 6.85 -26.80 2.47
C GLY C 108 6.08 -25.51 2.48
N CYS C 109 6.75 -24.41 2.81
CA CYS C 109 6.08 -23.12 2.82
C CYS C 109 5.82 -22.68 1.40
N ARG C 110 4.74 -21.95 1.24
CA ARG C 110 4.24 -21.45 -0.05
C ARG C 110 4.38 -19.93 -0.15
N GLU C 111 3.44 -19.23 0.48
CA GLU C 111 3.38 -17.77 0.56
C GLU C 111 4.26 -17.30 1.71
N ILE C 112 5.47 -16.83 1.40
CA ILE C 112 6.39 -16.27 2.38
C ILE C 112 6.52 -14.77 2.16
N ALA C 113 6.61 -14.00 3.23
CA ALA C 113 6.93 -12.59 3.15
C ALA C 113 8.18 -12.27 3.97
N VAL C 114 8.88 -11.22 3.58
CA VAL C 114 10.04 -10.72 4.32
C VAL C 114 9.62 -9.41 4.97
N ASP C 115 9.60 -9.38 6.32
CA ASP C 115 9.40 -8.12 7.07
C ASP C 115 10.76 -7.53 7.37
N LEU C 116 11.17 -6.55 6.55
CA LEU C 116 12.50 -5.98 6.67
C LEU C 116 12.52 -4.75 7.55
N THR C 117 11.44 -4.49 8.30
CA THR C 117 11.39 -3.33 9.18
C THR C 117 12.58 -3.31 10.15
N GLY C 118 12.88 -4.45 10.80
CA GLY C 118 13.86 -4.46 11.87
C GLY C 118 15.28 -4.37 11.36
N GLY C 119 16.16 -3.89 12.23
CA GLY C 119 17.57 -3.77 11.88
C GLY C 119 17.95 -2.39 11.40
N LYS C 120 19.24 -2.21 11.16
CA LYS C 120 19.62 -0.97 10.51
C LYS C 120 19.49 -1.11 8.99
N LEU C 121 19.56 0.04 8.32
CA LEU C 121 19.31 0.11 6.88
C LEU C 121 20.04 -0.93 6.07
N PRO C 122 21.35 -1.13 6.19
CA PRO C 122 21.99 -2.18 5.38
C PRO C 122 21.42 -3.56 5.66
N MET C 123 20.93 -3.82 6.88
CA MET C 123 20.24 -5.08 7.13
C MET C 123 18.94 -5.14 6.35
N SER C 124 18.15 -4.06 6.40
CA SER C 124 16.88 -4.04 5.69
C SER C 124 17.10 -4.18 4.21
N LEU C 125 18.17 -3.57 3.69
CA LEU C 125 18.43 -3.59 2.26
C LEU C 125 18.95 -4.95 1.83
N GLY C 126 19.79 -5.56 2.68
CA GLY C 126 20.17 -6.94 2.46
C GLY C 126 18.98 -7.90 2.44
N ALA C 127 18.05 -7.74 3.38
CA ALA C 127 16.83 -8.56 3.32
C ALA C 127 16.05 -8.29 2.04
N PHE C 128 15.96 -7.02 1.62
CA PHE C 128 15.26 -6.70 0.39
C PHE C 128 15.92 -7.37 -0.80
N MET C 129 17.22 -7.40 -0.84
CA MET C 129 17.91 -8.02 -1.95
C MET C 129 17.56 -9.48 -2.02
N ALA C 130 17.66 -10.17 -0.90
CA ALA C 130 17.34 -11.57 -0.86
C ALA C 130 15.92 -11.82 -1.24
N ALA C 131 14.99 -11.01 -0.76
CA ALA C 131 13.61 -11.21 -1.09
C ALA C 131 13.31 -11.03 -2.57
N GLU C 132 13.82 -9.99 -3.18
CA GLU C 132 13.64 -9.75 -4.60
C GLU C 132 14.22 -10.85 -5.42
N GLU C 133 15.31 -11.40 -4.93
CA GLU C 133 15.96 -12.48 -5.62
C GLU C 133 15.18 -13.78 -5.50
N ALA C 134 14.28 -13.86 -4.55
CA ALA C 134 13.54 -15.10 -4.40
C ALA C 134 12.11 -14.93 -4.82
N GLY C 135 11.81 -13.81 -5.42
CA GLY C 135 10.46 -13.54 -5.85
C GLY C 135 9.43 -13.44 -4.77
N VAL C 136 9.82 -13.10 -3.57
CA VAL C 136 8.93 -13.04 -2.48
C VAL C 136 8.71 -11.61 -2.13
N ALA C 137 7.56 -11.33 -1.59
CA ALA C 137 7.20 -10.00 -1.26
C ALA C 137 7.85 -9.50 0.01
N SER C 138 8.09 -8.19 0.06
CA SER C 138 8.70 -7.51 1.20
C SER C 138 7.65 -6.67 1.92
N LEU C 139 7.64 -6.75 3.24
CA LEU C 139 6.71 -5.99 4.06
C LEU C 139 7.41 -4.91 4.87
N TYR C 140 6.64 -4.02 5.48
CA TYR C 140 7.20 -2.93 6.27
C TYR C 140 6.18 -2.34 7.24
N VAL C 141 6.59 -2.11 8.48
CA VAL C 141 5.69 -1.54 9.47
C VAL C 141 5.91 -0.04 9.56
N ALA C 142 4.92 0.72 9.11
CA ALA C 142 5.01 2.17 9.12
C ALA C 142 4.44 2.80 10.37
N THR C 143 5.17 3.78 10.90
CA THR C 143 4.75 4.51 12.08
C THR C 143 4.75 6.00 11.76
N HIS C 148 9.98 13.92 15.00
CA HIS C 148 11.09 14.45 15.77
C HIS C 148 12.33 13.59 15.64
N LEU C 149 12.68 13.25 14.40
CA LEU C 149 13.85 12.40 14.07
C LEU C 149 15.07 12.84 14.84
N LYS C 150 15.73 11.89 15.50
CA LYS C 150 16.93 12.18 16.27
C LYS C 150 18.19 11.97 15.45
N VAL C 151 19.09 12.94 15.51
CA VAL C 151 20.35 12.87 14.77
C VAL C 151 21.49 12.42 15.67
N PRO C 152 22.24 11.39 15.24
CA PRO C 152 23.37 10.85 15.99
C PRO C 152 24.63 11.69 15.81
N ASP C 153 25.60 11.55 16.71
CA ASP C 153 26.84 12.29 16.62
C ASP C 153 27.59 11.95 15.34
N MET C 154 28.09 12.99 14.67
CA MET C 154 28.80 12.80 13.44
C MET C 154 30.26 12.56 13.71
N ARG C 155 30.65 12.54 14.96
CA ARG C 155 32.02 12.24 15.33
C ARG C 155 32.34 10.74 15.19
N THR C 156 31.34 9.90 15.20
CA THR C 156 31.57 8.50 14.99
C THR C 156 31.14 8.00 13.62
N ALA C 157 30.97 8.89 12.68
CA ALA C 157 30.52 8.51 11.35
C ALA C 157 31.58 8.11 10.36
N THR C 158 31.24 7.15 9.54
CA THR C 158 32.10 6.68 8.48
C THR C 158 31.23 6.51 7.26
N LEU C 159 31.76 6.79 6.09
CA LEU C 159 30.96 6.67 4.90
C LEU C 159 31.14 5.34 4.21
N ARG C 160 30.05 4.65 4.00
CA ARG C 160 30.13 3.35 3.38
C ARG C 160 29.50 3.24 2.01
N GLN C 161 30.18 2.54 1.11
CA GLN C 161 29.61 2.28 -0.18
C GLN C 161 28.97 0.93 0.05
N ILE C 162 27.66 0.88 0.05
CA ILE C 162 26.97 -0.37 0.25
C ILE C 162 26.64 -1.04 -1.04
N SER C 163 27.00 -0.46 -2.15
CA SER C 163 26.73 -1.10 -3.44
C SER C 163 27.63 -0.61 -4.52
N GLN C 164 28.40 -1.52 -5.10
CA GLN C 164 29.30 -1.20 -6.19
C GLN C 164 28.77 -1.85 -7.47
N PRO C 165 28.26 -1.05 -8.42
CA PRO C 165 27.68 -1.53 -9.66
C PRO C 165 28.72 -1.58 -10.79
N TRP D 27 33.49 10.75 -6.54
CA TRP D 27 32.19 11.11 -7.08
C TRP D 27 32.03 12.61 -7.21
N GLU D 28 31.55 13.10 -8.33
CA GLU D 28 31.31 14.53 -8.42
C GLU D 28 29.83 14.89 -8.30
N GLY D 29 28.92 13.92 -8.27
CA GLY D 29 27.55 14.18 -7.90
C GLY D 29 27.02 13.21 -6.87
N VAL D 30 26.14 13.72 -6.00
CA VAL D 30 25.50 12.92 -4.97
C VAL D 30 24.02 13.31 -4.88
N VAL D 31 23.14 12.31 -4.81
CA VAL D 31 21.70 12.52 -4.59
C VAL D 31 21.37 11.99 -3.21
N PHE D 32 20.65 12.79 -2.42
CA PHE D 32 20.31 12.47 -1.05
C PHE D 32 18.81 12.28 -0.90
N THR D 33 18.41 11.20 -0.24
CA THR D 33 17.15 11.20 0.47
C THR D 33 17.35 11.96 1.77
N VAL D 34 16.43 12.82 2.13
CA VAL D 34 16.60 13.70 3.28
C VAL D 34 15.52 13.42 4.31
N SER D 35 15.96 13.20 5.55
CA SER D 35 15.14 13.47 6.73
C SER D 35 15.71 14.56 7.62
N ASN D 36 17.03 14.73 7.62
CA ASN D 36 17.66 15.68 8.51
C ASN D 36 18.76 16.37 7.73
N GLU D 37 19.15 17.54 8.22
CA GLU D 37 20.14 18.31 7.48
C GLU D 37 21.57 17.96 7.83
N SER D 38 21.84 17.48 9.04
CA SER D 38 23.24 17.43 9.47
C SER D 38 24.01 16.28 8.80
N VAL D 39 23.37 15.14 8.53
CA VAL D 39 24.07 14.01 7.94
C VAL D 39 24.40 14.27 6.46
N PRO D 40 23.48 14.84 5.65
CA PRO D 40 23.88 15.24 4.29
C PRO D 40 24.98 16.31 4.28
N ARG D 41 24.93 17.30 5.17
CA ARG D 41 26.02 18.27 5.26
C ARG D 41 27.36 17.59 5.57
N TRP D 42 27.35 16.59 6.47
CA TRP D 42 28.59 15.84 6.74
C TRP D 42 29.10 15.14 5.49
N VAL D 43 28.20 14.54 4.70
CA VAL D 43 28.61 13.83 3.47
C VAL D 43 29.16 14.82 2.44
N MET D 44 28.48 15.95 2.25
CA MET D 44 28.99 17.06 1.44
C MET D 44 30.47 17.36 1.73
N ALA D 45 30.82 17.52 3.01
CA ALA D 45 32.20 17.89 3.35
C ALA D 45 33.20 16.81 3.01
N GLN D 46 32.80 15.53 3.08
CA GLN D 46 33.73 14.46 2.75
C GLN D 46 33.97 14.39 1.25
N ILE D 47 32.90 14.25 0.46
CA ILE D 47 33.06 14.00 -0.97
C ILE D 47 33.32 15.27 -1.77
N GLN D 48 32.82 16.41 -1.30
CA GLN D 48 32.92 17.68 -2.02
C GLN D 48 32.50 17.54 -3.49
N PRO D 49 31.26 17.16 -3.75
CA PRO D 49 30.82 17.04 -5.14
C PRO D 49 30.50 18.39 -5.75
N ALA D 50 30.55 18.41 -7.08
CA ALA D 50 30.19 19.59 -7.86
C ALA D 50 28.67 19.72 -8.05
N TYR D 51 27.92 18.60 -7.97
CA TYR D 51 26.48 18.59 -8.20
C TYR D 51 25.77 17.85 -7.07
N MET D 52 24.50 18.19 -6.86
CA MET D 52 23.73 17.56 -5.81
C MET D 52 22.26 17.46 -6.22
N GLY D 53 21.63 16.35 -5.82
CA GLY D 53 20.18 16.23 -5.88
C GLY D 53 19.61 15.94 -4.50
N LEU D 54 18.35 16.35 -4.30
CA LEU D 54 17.69 16.15 -3.02
C LEU D 54 16.25 15.67 -3.24
N VAL D 55 15.86 14.61 -2.53
CA VAL D 55 14.47 14.18 -2.44
C VAL D 55 14.04 14.27 -0.98
N ALA D 56 12.87 14.86 -0.75
CA ALA D 56 12.36 15.08 0.60
C ALA D 56 10.90 14.62 0.68
N THR D 57 10.42 14.50 1.90
CA THR D 57 9.00 14.46 2.19
C THR D 57 8.55 15.85 2.56
N GLN D 58 7.24 16.05 2.66
CA GLN D 58 6.75 17.33 3.16
C GLN D 58 7.36 17.64 4.52
N ALA D 59 7.35 16.64 5.42
CA ALA D 59 7.88 16.81 6.78
C ALA D 59 9.36 17.17 6.78
N SER D 60 10.14 16.67 5.81
CA SER D 60 11.57 16.89 5.81
C SER D 60 12.01 17.99 4.84
N LEU D 61 11.07 18.75 4.29
CA LEU D 61 11.40 19.67 3.19
C LEU D 61 12.29 20.81 3.66
N ALA D 62 11.95 21.43 4.79
CA ALA D 62 12.78 22.50 5.34
C ALA D 62 14.22 22.05 5.54
N ALA D 63 14.43 20.81 6.03
CA ALA D 63 15.78 20.29 6.21
C ALA D 63 16.49 20.17 4.88
N ALA D 64 15.81 19.61 3.88
CA ALA D 64 16.41 19.47 2.56
C ALA D 64 16.65 20.83 1.90
N GLU D 65 15.90 21.86 2.31
CA GLU D 65 16.16 23.19 1.79
C GLU D 65 17.36 23.84 2.47
N ALA D 66 17.58 23.58 3.76
CA ALA D 66 18.80 24.04 4.41
C ALA D 66 20.01 23.43 3.73
N VAL D 67 19.97 22.11 3.50
CA VAL D 67 21.08 21.44 2.81
C VAL D 67 21.35 22.09 1.47
N ALA D 68 20.28 22.31 0.67
CA ALA D 68 20.44 22.97 -0.61
C ALA D 68 21.05 24.37 -0.44
N ALA D 69 20.60 25.13 0.56
CA ALA D 69 21.13 26.47 0.80
C ALA D 69 22.64 26.42 1.01
N VAL D 70 23.08 25.57 1.94
CA VAL D 70 24.50 25.39 2.19
C VAL D 70 25.23 25.02 0.90
N ALA D 71 24.71 24.01 0.19
CA ALA D 71 25.38 23.54 -1.02
C ALA D 71 25.55 24.66 -2.05
N ARG D 72 24.55 25.54 -2.19
CA ARG D 72 24.59 26.58 -3.21
C ARG D 72 25.64 27.64 -2.89
N ARG D 73 25.84 27.95 -1.61
CA ARG D 73 26.86 28.91 -1.22
C ARG D 73 28.26 28.35 -1.42
N ARG D 74 28.41 27.04 -1.38
CA ARG D 74 29.68 26.43 -1.72
C ARG D 74 29.85 26.28 -3.22
N GLY D 75 28.88 26.72 -4.00
CA GLY D 75 29.02 26.69 -5.45
C GLY D 75 28.77 25.33 -6.05
N ILE D 76 28.05 24.51 -5.38
CA ILE D 76 27.60 23.25 -5.95
C ILE D 76 26.28 23.52 -6.67
N GLU D 77 26.07 22.79 -7.75
CA GLU D 77 24.86 22.91 -8.54
C GLU D 77 23.79 21.96 -8.00
N VAL D 78 22.68 22.51 -7.52
CA VAL D 78 21.69 21.77 -6.75
C VAL D 78 20.44 21.57 -7.59
N HIS D 79 19.89 20.36 -7.56
CA HIS D 79 18.63 20.00 -8.22
C HIS D 79 17.68 19.43 -7.18
N GLY D 80 16.57 20.11 -6.96
CA GLY D 80 15.66 19.73 -5.90
C GLY D 80 15.61 20.80 -4.84
N PRO D 81 14.94 20.52 -3.71
CA PRO D 81 14.33 19.23 -3.39
C PRO D 81 13.08 18.93 -4.17
N LEU D 82 13.00 17.70 -4.66
CA LEU D 82 11.76 17.12 -5.15
C LEU D 82 11.07 16.45 -3.98
N GLN D 83 9.74 16.51 -3.96
CA GLN D 83 8.95 16.01 -2.86
C GLN D 83 8.28 14.69 -3.22
N VAL D 84 8.12 13.83 -2.22
CA VAL D 84 7.41 12.57 -2.36
C VAL D 84 6.08 12.73 -1.63
N ALA D 85 4.97 12.45 -2.32
CA ALA D 85 3.66 12.61 -1.68
C ALA D 85 3.41 11.53 -0.63
N ASP D 86 3.81 10.30 -0.89
CA ASP D 86 3.65 9.19 0.06
C ASP D 86 5.02 8.62 0.40
N PRO D 87 5.65 9.03 1.50
CA PRO D 87 6.96 8.45 1.85
C PRO D 87 6.92 6.94 2.06
N ASN D 88 5.77 6.35 2.35
CA ASN D 88 5.74 4.90 2.56
C ASN D 88 5.68 4.11 1.26
N ASP D 89 5.61 4.79 0.09
CA ASP D 89 5.57 4.09 -1.19
C ASP D 89 6.95 4.10 -1.82
N PRO D 90 7.62 2.96 -1.94
CA PRO D 90 8.97 2.95 -2.51
C PRO D 90 9.04 3.44 -3.94
N ALA D 91 7.98 3.25 -4.74
CA ALA D 91 8.00 3.68 -6.13
C ALA D 91 8.09 5.19 -6.25
N ALA D 92 7.35 5.90 -5.40
CA ALA D 92 7.35 7.35 -5.44
C ALA D 92 8.76 7.94 -5.25
N SER D 93 9.53 7.39 -4.30
CA SER D 93 10.90 7.90 -4.14
C SER D 93 11.83 7.41 -5.26
N ARG D 94 11.56 6.23 -5.81
CA ARG D 94 12.41 5.73 -6.88
C ARG D 94 12.38 6.65 -8.10
N SER D 95 11.19 7.10 -8.49
CA SER D 95 11.08 7.88 -9.72
C SER D 95 11.67 9.28 -9.54
N GLN D 96 11.49 9.89 -8.36
CA GLN D 96 12.12 11.18 -8.12
C GLN D 96 13.64 11.08 -8.09
N VAL D 97 14.17 9.98 -7.55
CA VAL D 97 15.63 9.82 -7.52
C VAL D 97 16.16 9.54 -8.92
N ALA D 98 15.49 8.66 -9.67
CA ALA D 98 15.87 8.43 -11.06
C ALA D 98 15.78 9.70 -11.88
N LEU D 99 14.76 10.52 -11.62
CA LEU D 99 14.62 11.81 -12.31
C LEU D 99 15.82 12.69 -12.02
N LEU D 100 16.25 12.74 -10.75
CA LEU D 100 17.44 13.52 -10.40
C LEU D 100 18.69 12.92 -11.00
N LEU D 101 18.74 11.58 -11.09
CA LEU D 101 19.95 10.95 -11.60
C LEU D 101 20.19 11.31 -13.05
N SER D 102 19.12 11.39 -13.85
CA SER D 102 19.29 11.75 -15.26
C SER D 102 19.56 13.25 -15.43
N GLU D 103 18.81 14.09 -14.73
CA GLU D 103 19.06 15.54 -14.81
C GLU D 103 20.51 15.86 -14.47
N LEU D 104 21.11 15.12 -13.53
CA LEU D 104 22.50 15.39 -13.15
C LEU D 104 23.46 14.92 -14.24
N ARG D 105 23.18 13.76 -14.85
CA ARG D 105 24.03 13.30 -15.94
C ARG D 105 23.83 14.14 -17.20
N ARG D 106 22.65 14.74 -17.37
CA ARG D 106 22.43 15.69 -18.46
C ARG D 106 23.32 16.91 -18.28
N ALA D 107 23.40 17.43 -17.07
CA ALA D 107 24.08 18.69 -16.80
C ALA D 107 25.60 18.53 -16.73
N GLY D 108 26.14 17.37 -17.08
CA GLY D 108 27.58 17.20 -17.21
C GLY D 108 28.28 16.47 -16.08
N CYS D 109 27.54 15.90 -15.12
CA CYS D 109 28.14 15.20 -13.98
C CYS D 109 28.42 13.75 -14.37
N ARG D 110 29.69 13.36 -14.30
CA ARG D 110 30.13 12.07 -14.85
C ARG D 110 29.84 10.92 -13.89
N GLU D 111 30.36 11.00 -12.67
CA GLU D 111 30.30 9.92 -11.71
C GLU D 111 29.43 10.34 -10.54
N ILE D 112 28.31 9.62 -10.35
CA ILE D 112 27.28 9.97 -9.39
C ILE D 112 27.14 8.84 -8.37
N ALA D 113 26.90 9.17 -7.10
CA ALA D 113 26.60 8.22 -6.08
C ALA D 113 25.24 8.58 -5.47
N VAL D 114 24.61 7.66 -4.78
CA VAL D 114 23.35 7.95 -4.13
C VAL D 114 23.46 7.65 -2.65
N ASP D 115 23.42 8.66 -1.82
CA ASP D 115 23.44 8.47 -0.40
C ASP D 115 22.03 8.13 -0.06
N LEU D 116 21.79 7.04 0.62
CA LEU D 116 20.43 6.67 0.94
C LEU D 116 20.16 6.61 2.42
N THR D 117 21.01 7.23 3.18
CA THR D 117 20.88 7.24 4.60
C THR D 117 19.64 7.88 5.20
N GLY D 118 19.22 9.04 4.70
CA GLY D 118 18.12 9.79 5.28
C GLY D 118 16.78 9.38 4.73
N GLY D 119 15.73 9.72 5.47
CA GLY D 119 14.37 9.38 5.10
C GLY D 119 13.96 8.05 5.68
N LYS D 120 12.69 7.74 5.64
CA LYS D 120 12.20 6.46 6.12
C LYS D 120 12.55 5.34 5.16
N LEU D 121 12.54 4.13 5.66
CA LEU D 121 12.89 2.92 4.91
C LEU D 121 12.43 2.82 3.46
N PRO D 122 11.17 3.04 3.21
CA PRO D 122 10.67 2.98 1.85
C PRO D 122 11.37 3.95 0.92
N MET D 123 11.63 5.17 1.37
CA MET D 123 12.36 6.12 0.56
C MET D 123 13.73 5.60 0.20
N SER D 124 14.43 5.08 1.20
CA SER D 124 15.77 4.57 1.03
C SER D 124 15.80 3.42 0.06
N LEU D 125 14.82 2.53 0.12
CA LEU D 125 14.78 1.43 -0.81
C LEU D 125 14.44 1.93 -2.18
N GLY D 126 13.48 2.84 -2.26
CA GLY D 126 13.12 3.45 -3.52
C GLY D 126 14.36 4.04 -4.16
N ALA D 127 15.13 4.79 -3.37
CA ALA D 127 16.35 5.38 -3.89
C ALA D 127 17.35 4.31 -4.31
N PHE D 128 17.41 3.20 -3.57
CA PHE D 128 18.34 2.14 -3.91
C PHE D 128 17.98 1.48 -5.25
N MET D 129 16.71 1.14 -5.43
CA MET D 129 16.31 0.60 -6.73
C MET D 129 16.68 1.55 -7.87
N ALA D 130 16.35 2.83 -7.72
CA ALA D 130 16.72 3.82 -8.74
C ALA D 130 18.23 3.81 -9.02
N ALA D 131 19.03 3.76 -7.95
CA ALA D 131 20.48 3.74 -8.10
C ALA D 131 20.92 2.50 -8.87
N GLU D 132 20.31 1.35 -8.58
CA GLU D 132 20.69 0.10 -9.24
C GLU D 132 20.27 0.09 -10.70
N GLU D 133 19.08 0.60 -11.02
CA GLU D 133 18.64 0.75 -12.42
C GLU D 133 19.69 1.51 -13.25
N ALA D 134 20.22 2.60 -12.71
CA ALA D 134 21.18 3.46 -13.39
C ALA D 134 22.62 2.98 -13.24
N GLY D 135 22.85 1.90 -12.50
CA GLY D 135 24.19 1.40 -12.30
C GLY D 135 25.12 2.33 -11.54
N VAL D 136 24.58 3.17 -10.65
CA VAL D 136 25.40 4.06 -9.85
C VAL D 136 25.56 3.46 -8.47
N ALA D 137 26.60 3.83 -7.77
CA ALA D 137 26.79 3.29 -6.45
C ALA D 137 25.87 3.90 -5.44
N SER D 138 25.66 3.17 -4.36
CA SER D 138 24.83 3.61 -3.28
C SER D 138 25.65 3.83 -2.02
N LEU D 139 25.38 4.88 -1.28
CA LEU D 139 26.11 5.15 -0.07
C LEU D 139 25.28 5.10 1.17
N TYR D 140 25.91 4.89 2.30
CA TYR D 140 25.27 4.84 3.61
C TYR D 140 26.23 5.36 4.70
N VAL D 141 25.73 6.21 5.57
CA VAL D 141 26.54 6.74 6.66
C VAL D 141 26.28 5.89 7.90
N ALA D 142 27.32 5.20 8.35
CA ALA D 142 27.26 4.36 9.54
C ALA D 142 27.76 5.16 10.73
N THR D 143 27.03 5.09 11.84
CA THR D 143 27.39 5.83 13.05
C THR D 143 27.78 4.92 14.20
N ASP D 144 27.75 3.61 14.03
CA ASP D 144 28.23 2.68 15.04
C ASP D 144 28.23 1.29 14.43
N PHE D 145 28.76 0.33 15.18
CA PHE D 145 28.74 -1.02 14.63
C PHE D 145 27.40 -1.70 14.84
N ASP D 146 26.96 -1.83 16.09
CA ASP D 146 25.80 -2.65 16.43
C ASP D 146 25.08 -2.06 17.63
N LYS D 147 24.92 -0.73 17.65
CA LYS D 147 24.31 -0.05 18.78
C LYS D 147 22.81 -0.31 18.80
N HIS D 148 22.27 -0.42 20.02
CA HIS D 148 20.84 -0.61 20.23
C HIS D 148 20.04 0.42 19.43
N LEU D 149 18.91 -0.03 18.88
CA LEU D 149 18.01 0.79 18.07
C LEU D 149 16.79 1.15 18.91
N LYS D 150 16.43 2.43 18.90
CA LYS D 150 15.26 2.89 19.65
C LYS D 150 14.01 2.15 19.17
N VAL D 151 13.24 1.62 20.10
CA VAL D 151 12.04 0.90 19.76
C VAL D 151 10.93 1.78 19.24
N PRO D 152 10.37 1.41 18.10
CA PRO D 152 9.27 2.16 17.55
C PRO D 152 8.10 2.38 18.50
N ASP D 153 7.46 3.49 18.29
CA ASP D 153 6.30 3.88 19.01
C ASP D 153 5.20 3.27 18.19
N MET D 154 4.41 2.41 18.79
CA MET D 154 3.43 1.69 18.00
C MET D 154 2.01 2.21 18.03
N ARG D 155 1.87 3.49 18.25
CA ARG D 155 0.56 4.10 18.33
C ARG D 155 -0.16 3.95 17.02
N THR D 156 0.38 4.56 15.99
CA THR D 156 -0.21 4.55 14.69
C THR D 156 0.34 3.51 13.76
N ALA D 157 0.73 2.37 14.32
CA ALA D 157 1.29 1.29 13.54
C ALA D 157 0.45 0.88 12.36
N THR D 158 1.11 0.62 11.25
CA THR D 158 0.44 0.23 10.05
C THR D 158 1.30 -0.66 9.19
N LEU D 159 0.89 -1.89 8.98
CA LEU D 159 1.65 -2.81 8.13
C LEU D 159 1.36 -2.49 6.71
N ARG D 160 2.28 -2.75 5.79
CA ARG D 160 2.07 -2.39 4.39
C ARG D 160 3.04 -3.17 3.51
N GLN D 161 2.53 -3.77 2.43
CA GLN D 161 3.40 -4.43 1.48
C GLN D 161 4.07 -3.38 0.61
N ILE D 162 5.35 -3.55 0.40
CA ILE D 162 6.11 -2.60 -0.37
C ILE D 162 6.78 -3.18 -1.61
N SER D 163 6.62 -4.46 -1.85
CA SER D 163 7.18 -5.04 -3.07
C SER D 163 6.36 -6.23 -3.52
N GLN D 164 6.47 -6.57 -4.81
CA GLN D 164 5.76 -7.69 -5.41
C GLN D 164 6.67 -8.60 -6.23
N PRO D 165 6.28 -9.88 -6.36
CA PRO D 165 7.00 -10.87 -7.16
C PRO D 165 7.32 -10.36 -8.55
#